data_6R4M
#
_entry.id   6R4M
#
_cell.length_a   205.320
_cell.length_b   205.320
_cell.length_c   39.080
_cell.angle_alpha   90.000
_cell.angle_beta   90.000
_cell.angle_gamma   120.000
#
_symmetry.space_group_name_H-M   'P 61'
#
loop_
_entity.id
_entity.type
_entity.pdbx_description
1 polymer 'Phosphatidylglycerol/phosphatidylinositol transfer protein'
2 non-polymer 2-acetamido-2-deoxy-beta-D-glucopyranose
#
_entity_poly.entity_id   1
_entity_poly.type   'polypeptide(L)'
_entity_poly.pdbx_seq_one_letter_code
;MTHSLKALFALLFLYTAAVNAGVIGIFNALPPPNTKPINGESPLYQCDILDKQLVEIKEVNLDPNPPVRGENLTISANGE
VFETIEEGAYIDVEVRLGYIRLLSQTFDLCETLEDNDIEGLSCPIEPGEYNIKKIVEIPGEVPPGKYVVVARAYTEKDDL
ITCLTGEVIFPPRLVPRGSGGGGSGGGGSGGHHHHHHHHHH
;
_entity_poly.pdbx_strand_id   A,B,C
#
# COMPACT_ATOMS: atom_id res chain seq x y z
N PRO A 31 -18.32 -8.91 12.52
CA PRO A 31 -18.27 -7.51 12.95
C PRO A 31 -19.39 -6.67 12.31
N PRO A 32 -19.40 -5.34 12.51
CA PRO A 32 -20.45 -4.50 11.90
C PRO A 32 -20.35 -4.44 10.39
N PRO A 33 -21.43 -4.06 9.71
CA PRO A 33 -21.40 -4.01 8.25
C PRO A 33 -20.53 -2.86 7.73
N ASN A 34 -19.83 -3.13 6.62
CA ASN A 34 -18.90 -2.20 6.00
C ASN A 34 -17.89 -1.65 7.00
N THR A 35 -17.26 -2.56 7.74
CA THR A 35 -16.25 -2.14 8.71
C THR A 35 -15.06 -3.08 8.64
N LYS A 36 -13.87 -2.50 8.59
CA LYS A 36 -12.61 -3.22 8.64
C LYS A 36 -11.88 -2.87 9.93
N PRO A 37 -11.33 -3.83 10.66
CA PRO A 37 -10.41 -3.47 11.72
C PRO A 37 -9.17 -2.83 11.13
N ILE A 38 -8.65 -1.85 11.83
CA ILE A 38 -7.37 -1.24 11.50
C ILE A 38 -6.28 -1.99 12.25
N ASN A 39 -5.16 -2.25 11.59
CA ASN A 39 -4.05 -2.92 12.26
C ASN A 39 -3.57 -2.07 13.43
N GLY A 40 -3.12 -2.74 14.49
CA GLY A 40 -2.46 -2.07 15.61
C GLY A 40 -3.31 -2.09 16.88
N GLU A 41 -2.69 -1.59 17.95
CA GLU A 41 -3.31 -1.54 19.27
C GLU A 41 -4.31 -0.39 19.29
N SER A 42 -5.48 -0.64 18.73
CA SER A 42 -6.52 0.38 18.64
C SER A 42 -7.87 -0.32 18.47
N PRO A 43 -8.94 0.28 18.97
CA PRO A 43 -10.29 -0.25 18.71
C PRO A 43 -10.93 0.34 17.46
N LEU A 44 -10.13 0.96 16.60
CA LEU A 44 -10.66 1.64 15.44
C LEU A 44 -11.05 0.69 14.31
N TYR A 45 -12.11 1.07 13.60
CA TYR A 45 -12.55 0.42 12.38
C TYR A 45 -12.70 1.47 11.29
N GLN A 46 -12.48 1.03 10.06
CA GLN A 46 -12.81 1.81 8.88
C GLN A 46 -14.24 1.51 8.50
N CYS A 47 -15.02 2.55 8.21
CA CYS A 47 -16.40 2.41 7.80
C CYS A 47 -16.64 2.91 6.37
N ASP A 48 -17.80 2.53 5.83
CA ASP A 48 -18.23 2.90 4.47
C ASP A 48 -17.17 2.52 3.43
N ILE A 49 -16.68 1.28 3.55
CA ILE A 49 -15.58 0.82 2.70
C ILE A 49 -16.02 0.65 1.24
N LEU A 50 -17.28 0.31 1.00
CA LEU A 50 -17.74 0.17 -0.37
C LEU A 50 -17.73 1.48 -1.13
N ASP A 51 -17.48 2.59 -0.44
CA ASP A 51 -17.33 3.89 -1.04
C ASP A 51 -15.85 4.24 -1.13
N LYS A 52 -15.39 4.67 -2.30
CA LYS A 52 -13.97 4.97 -2.51
C LYS A 52 -13.51 6.08 -1.57
N GLN A 53 -12.39 5.83 -0.90
CA GLN A 53 -11.86 6.79 0.07
C GLN A 53 -10.48 7.25 -0.36
N LEU A 54 -10.23 8.56 -0.22
CA LEU A 54 -9.00 9.17 -0.71
C LEU A 54 -7.79 8.82 0.13
N VAL A 55 -7.98 8.41 1.38
CA VAL A 55 -6.87 8.13 2.30
C VAL A 55 -7.00 6.72 2.84
N GLU A 56 -5.88 6.00 2.86
CA GLU A 56 -5.77 4.67 3.46
C GLU A 56 -5.14 4.79 4.85
N ILE A 57 -5.83 4.27 5.86
CA ILE A 57 -5.30 4.25 7.23
C ILE A 57 -4.68 2.87 7.45
N LYS A 58 -3.36 2.79 7.25
CA LYS A 58 -2.66 1.52 7.32
C LYS A 58 -2.53 1.04 8.77
N GLU A 59 -2.09 1.91 9.67
CA GLU A 59 -1.85 1.42 11.04
C GLU A 59 -2.14 2.53 12.06
N VAL A 60 -2.73 2.15 13.20
CA VAL A 60 -3.00 3.08 14.30
C VAL A 60 -2.64 2.40 15.61
N ASN A 61 -1.89 3.12 16.46
CA ASN A 61 -1.47 2.63 17.76
C ASN A 61 -1.72 3.67 18.84
N LEU A 62 -2.13 3.21 20.03
CA LEU A 62 -2.37 4.04 21.19
C LEU A 62 -1.51 3.55 22.36
N ASP A 63 -0.84 4.47 23.06
CA ASP A 63 0.11 4.05 24.09
C ASP A 63 -0.54 3.27 25.23
N PRO A 64 -1.69 3.68 25.80
CA PRO A 64 -2.51 2.70 26.54
C PRO A 64 -3.49 2.03 25.59
N ASN A 65 -3.51 0.69 25.52
CA ASN A 65 -4.41 0.05 24.55
C ASN A 65 -5.86 0.45 24.76
N PRO A 66 -6.44 0.36 25.95
CA PRO A 66 -7.61 1.16 26.22
C PRO A 66 -7.18 2.48 26.80
N PRO A 67 -7.63 3.59 26.25
CA PRO A 67 -7.27 4.89 26.83
C PRO A 67 -7.78 4.96 28.26
N VAL A 68 -7.02 5.65 29.12
CA VAL A 68 -7.34 5.76 30.53
C VAL A 68 -7.70 7.20 30.86
N ARG A 69 -8.73 7.37 31.69
CA ARG A 69 -9.18 8.70 32.06
C ARG A 69 -8.09 9.44 32.83
N GLY A 70 -7.97 10.74 32.53
CA GLY A 70 -7.01 11.59 33.22
C GLY A 70 -5.55 11.40 32.86
N GLU A 71 -5.24 10.73 31.76
CA GLU A 71 -3.85 10.49 31.39
C GLU A 71 -3.61 10.94 29.96
N ASN A 72 -2.33 11.12 29.62
CA ASN A 72 -2.01 11.38 28.22
C ASN A 72 -2.32 10.15 27.38
N LEU A 73 -2.78 10.41 26.17
CA LEU A 73 -2.96 9.40 25.14
C LEU A 73 -2.07 9.79 23.98
N THR A 74 -1.28 8.84 23.52
CA THR A 74 -0.38 9.03 22.40
C THR A 74 -0.97 8.32 21.20
N ILE A 75 -1.05 9.02 20.07
CA ILE A 75 -1.66 8.52 18.86
C ILE A 75 -0.56 8.41 17.80
N SER A 76 -0.30 7.19 17.34
CA SER A 76 0.63 6.95 16.23
C SER A 76 -0.19 6.46 15.04
N ALA A 77 -0.04 7.13 13.91
CA ALA A 77 -0.80 6.77 12.71
C ALA A 77 0.12 6.69 11.50
N ASN A 78 -0.14 5.70 10.65
CA ASN A 78 0.54 5.50 9.38
C ASN A 78 -0.51 5.40 8.30
N GLY A 79 -0.40 6.26 7.27
CA GLY A 79 -1.41 6.27 6.23
C GLY A 79 -0.91 6.82 4.91
N GLU A 80 -1.76 6.70 3.89
CA GLU A 80 -1.46 7.20 2.55
C GLU A 80 -2.53 8.15 2.06
N VAL A 81 -2.08 9.17 1.32
CA VAL A 81 -2.95 10.16 0.70
C VAL A 81 -2.80 10.02 -0.80
N PHE A 82 -3.94 9.87 -1.51
CA PHE A 82 -3.91 9.66 -2.95
C PHE A 82 -4.28 10.88 -3.78
N GLU A 83 -5.02 11.84 -3.23
CA GLU A 83 -5.34 13.04 -3.96
C GLU A 83 -4.99 14.27 -3.12
N THR A 84 -4.58 15.35 -3.81
CA THR A 84 -4.22 16.56 -3.09
C THR A 84 -5.43 17.08 -2.33
N ILE A 85 -5.37 17.07 -1.01
CA ILE A 85 -6.42 17.66 -0.18
C ILE A 85 -6.18 19.15 -0.04
N GLU A 86 -7.17 19.94 -0.45
CA GLU A 86 -7.03 21.38 -0.46
C GLU A 86 -7.99 21.99 0.56
N GLU A 87 -7.85 23.30 0.75
CA GLU A 87 -8.66 24.02 1.72
C GLU A 87 -10.15 23.85 1.40
N GLY A 88 -10.94 23.66 2.45
CA GLY A 88 -12.37 23.43 2.30
C GLY A 88 -12.84 22.05 2.73
N ALA A 89 -11.92 21.15 3.09
CA ALA A 89 -12.33 19.86 3.61
C ALA A 89 -12.89 20.03 5.01
N TYR A 90 -13.77 19.12 5.39
CA TYR A 90 -14.53 19.29 6.62
C TYR A 90 -14.71 17.91 7.23
N ILE A 91 -15.00 17.84 8.53
CA ILE A 91 -15.22 16.55 9.16
C ILE A 91 -16.52 16.59 9.92
N ASP A 92 -17.38 15.60 9.68
CA ASP A 92 -18.59 15.44 10.46
C ASP A 92 -18.22 14.48 11.57
N VAL A 93 -18.23 14.95 12.82
CA VAL A 93 -17.85 14.17 13.98
C VAL A 93 -19.06 13.99 14.87
N GLU A 94 -19.30 12.75 15.28
CA GLU A 94 -20.38 12.40 16.19
C GLU A 94 -19.85 11.55 17.33
N VAL A 95 -20.07 12.01 18.55
CA VAL A 95 -19.77 11.27 19.76
C VAL A 95 -21.10 10.86 20.36
N ARG A 96 -21.20 9.61 20.80
CA ARG A 96 -22.45 9.07 21.28
C ARG A 96 -22.19 8.24 22.53
N LEU A 97 -23.01 8.43 23.54
CA LEU A 97 -22.96 7.62 24.75
C LEU A 97 -24.25 6.84 24.88
N GLY A 98 -24.13 5.51 24.88
CA GLY A 98 -25.32 4.68 24.84
C GLY A 98 -26.18 5.06 23.66
N TYR A 99 -27.44 5.37 23.93
CA TYR A 99 -28.40 5.74 22.92
C TYR A 99 -28.65 7.25 22.92
N ILE A 100 -27.76 8.03 23.50
CA ILE A 100 -27.89 9.47 23.60
C ILE A 100 -26.82 10.09 22.72
N ARG A 101 -27.22 11.03 21.87
CA ARG A 101 -26.29 11.66 20.92
C ARG A 101 -25.62 12.82 21.64
N LEU A 102 -24.38 12.60 22.06
CA LEU A 102 -23.64 13.58 22.85
C LEU A 102 -23.09 14.73 22.01
N LEU A 103 -22.59 14.46 20.81
CA LEU A 103 -21.91 15.50 20.04
C LEU A 103 -22.08 15.24 18.55
N SER A 104 -22.49 16.28 17.83
CA SER A 104 -22.60 16.18 16.38
C SER A 104 -22.27 17.53 15.78
N GLN A 105 -21.16 17.64 15.08
CA GLN A 105 -20.88 18.86 14.35
C GLN A 105 -19.87 18.61 13.26
N THR A 106 -19.45 19.71 12.62
CA THR A 106 -18.54 19.71 11.50
C THR A 106 -17.39 20.63 11.86
N PHE A 107 -16.16 20.15 11.71
CA PHE A 107 -15.02 21.02 11.93
C PHE A 107 -14.34 21.26 10.59
N ASP A 108 -13.70 22.41 10.46
CA ASP A 108 -12.87 22.66 9.30
C ASP A 108 -11.57 21.87 9.46
N LEU A 109 -11.30 20.97 8.51
CA LEU A 109 -10.17 20.05 8.63
C LEU A 109 -8.84 20.78 8.72
N CYS A 110 -8.50 21.59 7.71
CA CYS A 110 -7.25 22.33 7.75
C CYS A 110 -7.15 23.18 9.00
N GLU A 111 -8.24 23.89 9.32
CA GLU A 111 -8.24 24.71 10.51
C GLU A 111 -7.92 23.88 11.75
N THR A 112 -8.53 22.70 11.86
CA THR A 112 -8.35 21.89 13.06
C THR A 112 -6.93 21.35 13.15
N LEU A 113 -6.38 20.89 12.02
CA LEU A 113 -5.01 20.41 12.03
C LEU A 113 -4.05 21.53 12.40
N GLU A 114 -4.36 22.76 11.99
CA GLU A 114 -3.47 23.88 12.31
C GLU A 114 -3.68 24.39 13.74
N ASP A 115 -4.90 24.30 14.27
CA ASP A 115 -5.15 24.74 15.63
C ASP A 115 -4.51 23.80 16.63
N ASN A 116 -4.54 22.51 16.33
CA ASN A 116 -3.94 21.46 17.13
C ASN A 116 -2.47 21.21 16.76
N ASP A 117 -1.91 22.04 15.88
CA ASP A 117 -0.46 22.08 15.60
C ASP A 117 0.11 20.71 15.26
N ILE A 118 -0.56 20.00 14.35
CA ILE A 118 0.00 18.75 13.86
C ILE A 118 1.24 19.08 13.03
N GLU A 119 2.39 18.53 13.41
CA GLU A 119 3.62 18.81 12.67
C GLU A 119 3.52 18.20 11.29
N GLY A 120 3.93 18.96 10.27
CA GLY A 120 3.95 18.45 8.92
C GLY A 120 2.62 18.31 8.22
N LEU A 121 1.49 18.62 8.86
CA LEU A 121 0.19 18.55 8.16
C LEU A 121 -0.26 19.94 7.74
N SER A 122 0.63 20.62 7.01
CA SER A 122 0.26 21.85 6.35
C SER A 122 -0.85 21.56 5.36
N CYS A 123 -1.93 22.38 5.40
CA CYS A 123 -3.22 22.07 4.77
C CYS A 123 -3.23 21.57 3.32
N PRO A 124 -2.46 22.12 2.39
CA PRO A 124 -2.46 21.47 1.07
C PRO A 124 -1.73 20.16 1.24
N ILE A 125 -2.49 19.08 1.43
CA ILE A 125 -1.91 17.79 1.76
C ILE A 125 -1.64 17.08 0.45
N GLU A 126 -0.36 16.92 0.13
CA GLU A 126 0.01 16.31 -1.12
C GLU A 126 -0.05 14.79 -0.99
N PRO A 127 -0.24 14.09 -2.10
CA PRO A 127 -0.24 12.62 -2.05
C PRO A 127 1.09 12.07 -1.57
N GLY A 128 1.03 11.03 -0.76
CA GLY A 128 2.26 10.40 -0.30
C GLY A 128 2.04 9.54 0.93
N GLU A 129 3.17 9.15 1.53
CA GLU A 129 3.26 8.33 2.73
C GLU A 129 3.41 9.24 3.96
N TYR A 130 2.51 9.11 4.94
CA TYR A 130 2.51 9.97 6.10
C TYR A 130 2.59 9.17 7.39
N ASN A 131 3.38 9.68 8.33
CA ASN A 131 3.47 9.16 9.69
C ASN A 131 3.25 10.31 10.64
N ILE A 132 2.26 10.16 11.52
CA ILE A 132 1.79 11.22 12.39
C ILE A 132 1.84 10.74 13.84
N LYS A 133 2.33 11.60 14.72
CA LYS A 133 2.32 11.36 16.15
C LYS A 133 1.68 12.56 16.80
N LYS A 134 0.57 12.34 17.51
CA LYS A 134 -0.10 13.44 18.17
C LYS A 134 -0.46 13.04 19.60
N ILE A 135 -0.28 13.96 20.53
CA ILE A 135 -0.54 13.72 21.94
C ILE A 135 -1.75 14.52 22.38
N VAL A 136 -2.68 13.86 23.07
CA VAL A 136 -3.87 14.54 23.60
C VAL A 136 -4.03 14.08 25.04
N GLU A 137 -4.69 14.91 25.84
CA GLU A 137 -4.95 14.55 27.22
C GLU A 137 -6.42 14.17 27.35
N ILE A 138 -6.68 13.06 28.03
CA ILE A 138 -8.04 12.59 28.27
C ILE A 138 -8.59 13.27 29.51
N PRO A 139 -9.73 13.94 29.43
CA PRO A 139 -10.29 14.55 30.64
C PRO A 139 -10.58 13.45 31.65
N GLY A 140 -10.16 13.66 32.89
CA GLY A 140 -10.51 12.72 33.94
C GLY A 140 -11.97 12.82 34.29
N GLU A 141 -12.55 14.01 34.09
CA GLU A 141 -13.93 14.29 34.43
C GLU A 141 -14.94 13.44 33.66
N VAL A 142 -14.57 12.94 32.49
CA VAL A 142 -15.43 12.10 31.64
C VAL A 142 -16.11 10.98 32.41
N PRO A 143 -17.44 10.84 32.30
CA PRO A 143 -18.14 9.78 33.00
C PRO A 143 -17.73 8.41 32.49
N PRO A 144 -17.84 7.39 33.32
CA PRO A 144 -17.52 6.03 32.84
C PRO A 144 -18.64 5.50 31.97
N GLY A 145 -18.27 4.73 30.97
CA GLY A 145 -19.26 4.13 30.08
C GLY A 145 -18.67 3.87 28.71
N LYS A 146 -19.55 3.38 27.83
CA LYS A 146 -19.18 2.93 26.48
C LYS A 146 -19.53 4.00 25.45
N TYR A 147 -18.52 4.63 24.86
CA TYR A 147 -18.72 5.71 23.91
C TYR A 147 -18.44 5.22 22.50
N VAL A 148 -19.25 5.67 21.54
CA VAL A 148 -19.04 5.39 20.13
C VAL A 148 -18.75 6.71 19.40
N VAL A 149 -17.67 6.74 18.63
CA VAL A 149 -17.28 7.91 17.86
C VAL A 149 -17.34 7.55 16.38
N VAL A 150 -17.89 8.46 15.58
CA VAL A 150 -17.98 8.27 14.13
C VAL A 150 -17.57 9.57 13.46
N ALA A 151 -16.56 9.51 12.60
CA ALA A 151 -16.07 10.69 11.89
C ALA A 151 -16.03 10.41 10.40
N ARG A 152 -16.55 11.33 9.60
CA ARG A 152 -16.47 11.24 8.14
C ARG A 152 -15.89 12.55 7.62
N ALA A 153 -14.77 12.47 6.92
CA ALA A 153 -14.09 13.66 6.41
C ALA A 153 -14.31 13.76 4.91
N TYR A 154 -14.68 14.94 4.42
CA TYR A 154 -14.91 15.10 3.00
C TYR A 154 -14.10 16.26 2.51
N THR A 155 -13.76 16.24 1.22
CA THR A 155 -12.99 17.34 0.65
C THR A 155 -13.91 18.48 0.26
N GLU A 156 -13.32 19.56 -0.26
CA GLU A 156 -14.13 20.69 -0.69
C GLU A 156 -15.12 20.26 -1.74
N LYS A 157 -14.67 19.35 -2.63
CA LYS A 157 -15.58 18.85 -3.64
C LYS A 157 -16.60 17.80 -3.07
N ASP A 158 -16.69 17.65 -1.73
CA ASP A 158 -17.57 16.68 -1.05
C ASP A 158 -17.18 15.24 -1.33
N ASP A 159 -15.93 15.02 -1.72
CA ASP A 159 -15.40 13.69 -1.94
C ASP A 159 -14.98 13.07 -0.60
N LEU A 160 -15.38 11.82 -0.40
CA LEU A 160 -15.07 11.12 0.84
C LEU A 160 -13.57 10.85 0.96
N ILE A 161 -12.96 11.40 2.01
CA ILE A 161 -11.56 11.15 2.35
C ILE A 161 -11.42 9.88 3.20
N THR A 162 -12.22 9.75 4.26
CA THR A 162 -12.12 8.59 5.14
C THR A 162 -13.33 8.52 6.07
N CYS A 163 -13.55 7.33 6.63
CA CYS A 163 -14.60 7.07 7.62
C CYS A 163 -14.04 6.18 8.71
N LEU A 164 -14.16 6.61 9.97
CA LEU A 164 -13.58 5.91 11.10
C LEU A 164 -14.60 5.82 12.24
N THR A 165 -14.67 4.67 12.90
CA THR A 165 -15.57 4.46 14.03
C THR A 165 -14.83 3.72 15.13
N GLY A 166 -15.25 3.94 16.38
CA GLY A 166 -14.60 3.28 17.48
C GLY A 166 -15.48 3.18 18.70
N GLU A 167 -15.11 2.25 19.57
CA GLU A 167 -15.75 1.99 20.85
C GLU A 167 -14.70 2.10 21.93
N VAL A 168 -14.95 2.93 22.93
CA VAL A 168 -14.08 3.05 24.10
C VAL A 168 -14.92 2.82 25.35
N ILE A 169 -14.47 1.90 26.18
CA ILE A 169 -15.14 1.58 27.43
C ILE A 169 -14.28 2.09 28.58
N PHE A 170 -14.87 2.92 29.43
CA PHE A 170 -14.17 3.49 30.58
C PHE A 170 -14.68 2.83 31.85
N PRO A 171 -13.83 2.11 32.58
CA PRO A 171 -14.30 1.45 33.79
C PRO A 171 -14.58 2.46 34.89
N PRO A 172 -15.63 2.26 35.70
CA PRO A 172 -15.90 3.15 36.84
C PRO A 172 -15.09 2.76 38.07
N LEU B 30 10.63 0.20 20.90
CA LEU B 30 12.01 -0.27 20.76
C LEU B 30 12.88 0.39 19.66
N PRO B 31 12.32 0.86 18.53
CA PRO B 31 13.21 1.40 17.47
C PRO B 31 13.72 2.79 17.82
N PRO B 32 14.77 3.25 17.14
CA PRO B 32 15.36 4.58 17.39
C PRO B 32 14.42 5.70 16.95
N PRO B 33 14.66 6.94 17.38
CA PRO B 33 13.65 7.99 17.12
C PRO B 33 13.47 8.28 15.65
N ASN B 34 12.19 8.49 15.28
CA ASN B 34 11.77 8.75 13.91
C ASN B 34 12.17 7.64 12.95
N THR B 35 12.17 6.39 13.40
CA THR B 35 12.59 5.28 12.55
C THR B 35 11.57 4.16 12.64
N LYS B 36 11.21 3.62 11.47
CA LYS B 36 10.36 2.44 11.33
C LYS B 36 11.18 1.33 10.72
N PRO B 37 11.10 0.09 11.21
CA PRO B 37 11.69 -1.01 10.45
C PRO B 37 10.97 -1.17 9.11
N ILE B 38 11.72 -1.50 8.08
CA ILE B 38 11.12 -1.87 6.81
C ILE B 38 10.81 -3.35 6.92
N ASN B 39 9.59 -3.73 6.55
CA ASN B 39 9.24 -5.13 6.63
C ASN B 39 10.11 -5.93 5.68
N GLY B 40 10.42 -7.15 6.07
CA GLY B 40 11.16 -8.07 5.24
C GLY B 40 12.53 -8.35 5.82
N GLU B 41 13.22 -9.26 5.16
CA GLU B 41 14.52 -9.74 5.63
C GLU B 41 15.57 -8.71 5.23
N SER B 42 15.66 -7.65 6.05
CA SER B 42 16.55 -6.54 5.75
C SER B 42 16.83 -5.76 7.03
N PRO B 43 17.99 -5.12 7.14
CA PRO B 43 18.23 -4.23 8.28
C PRO B 43 17.80 -2.80 8.02
N LEU B 44 17.01 -2.56 6.98
CA LEU B 44 16.69 -1.20 6.59
C LEU B 44 15.59 -0.61 7.47
N TYR B 45 15.69 0.71 7.72
CA TYR B 45 14.66 1.47 8.40
C TYR B 45 14.29 2.69 7.58
N GLN B 46 13.06 3.19 7.76
CA GLN B 46 12.77 4.54 7.35
C GLN B 46 13.17 5.48 8.44
N CYS B 47 13.76 6.58 8.02
CA CYS B 47 14.08 7.73 8.84
C CYS B 47 13.23 8.90 8.35
N ASP B 48 13.15 9.92 9.20
CA ASP B 48 12.35 11.11 8.95
C ASP B 48 10.90 10.73 8.67
N ILE B 49 10.35 9.84 9.49
CA ILE B 49 9.00 9.35 9.23
C ILE B 49 7.98 10.47 9.41
N LEU B 50 8.23 11.40 10.33
CA LEU B 50 7.31 12.51 10.53
C LEU B 50 7.23 13.43 9.31
N ASP B 51 8.12 13.24 8.33
CA ASP B 51 8.10 14.03 7.10
C ASP B 51 7.47 13.23 5.96
N LYS B 52 6.58 13.89 5.22
CA LYS B 52 5.89 13.24 4.11
C LYS B 52 6.90 12.79 3.07
N GLN B 53 6.79 11.52 2.66
CA GLN B 53 7.71 10.95 1.67
C GLN B 53 6.90 10.49 0.47
N LEU B 54 7.42 10.77 -0.73
CA LEU B 54 6.67 10.48 -1.95
C LEU B 54 6.61 9.00 -2.26
N VAL B 55 7.51 8.19 -1.70
CA VAL B 55 7.54 6.77 -1.99
C VAL B 55 7.43 6.00 -0.68
N GLU B 56 6.56 5.01 -0.67
CA GLU B 56 6.40 4.08 0.44
C GLU B 56 7.18 2.82 0.14
N ILE B 57 8.11 2.48 1.01
CA ILE B 57 8.93 1.28 0.86
C ILE B 57 8.27 0.20 1.71
N LYS B 58 7.45 -0.63 1.08
CA LYS B 58 6.69 -1.64 1.80
C LYS B 58 7.57 -2.80 2.27
N GLU B 59 8.40 -3.33 1.39
CA GLU B 59 9.16 -4.52 1.77
C GLU B 59 10.53 -4.51 1.10
N VAL B 60 11.55 -4.98 1.83
CA VAL B 60 12.89 -5.14 1.30
C VAL B 60 13.44 -6.48 1.80
N ASN B 61 14.02 -7.26 0.90
CA ASN B 61 14.56 -8.57 1.18
C ASN B 61 15.96 -8.67 0.57
N LEU B 62 16.87 -9.34 1.28
CA LEU B 62 18.25 -9.52 0.85
C LEU B 62 18.58 -11.01 0.71
N ASP B 63 19.32 -11.37 -0.35
CA ASP B 63 19.54 -12.78 -0.67
C ASP B 63 20.20 -13.56 0.46
N PRO B 64 21.35 -13.14 1.02
CA PRO B 64 21.68 -13.57 2.38
C PRO B 64 21.16 -12.50 3.32
N ASN B 65 20.42 -12.86 4.37
CA ASN B 65 19.83 -11.80 5.20
C ASN B 65 20.89 -10.84 5.73
N PRO B 66 22.02 -11.30 6.30
CA PRO B 66 23.18 -10.41 6.36
C PRO B 66 24.02 -10.57 5.11
N PRO B 67 24.38 -9.47 4.45
CA PRO B 67 25.23 -9.57 3.26
C PRO B 67 26.58 -10.15 3.62
N VAL B 68 27.17 -10.91 2.69
CA VAL B 68 28.47 -11.51 2.89
C VAL B 68 29.45 -10.93 1.88
N ARG B 69 30.67 -10.64 2.33
CA ARG B 69 31.68 -10.06 1.46
C ARG B 69 32.07 -11.04 0.36
N GLY B 70 32.35 -10.50 -0.84
CA GLY B 70 32.78 -11.33 -1.93
C GLY B 70 31.70 -12.18 -2.55
N GLU B 71 30.44 -11.92 -2.23
CA GLU B 71 29.34 -12.68 -2.77
C GLU B 71 28.32 -11.75 -3.40
N ASN B 72 27.50 -12.34 -4.27
CA ASN B 72 26.43 -11.61 -4.91
C ASN B 72 25.35 -11.33 -3.88
N LEU B 73 24.71 -10.17 -3.99
CA LEU B 73 23.59 -9.78 -3.14
C LEU B 73 22.37 -9.52 -4.02
N THR B 74 21.25 -10.13 -3.66
CA THR B 74 19.98 -9.91 -4.32
C THR B 74 19.12 -9.02 -3.44
N ILE B 75 18.64 -7.93 -4.00
CA ILE B 75 17.83 -6.95 -3.30
C ILE B 75 16.48 -6.99 -3.98
N SER B 76 15.46 -7.38 -3.21
CA SER B 76 14.08 -7.37 -3.66
C SER B 76 13.37 -6.26 -2.89
N ALA B 77 12.73 -5.35 -3.61
CA ALA B 77 12.00 -4.29 -2.95
C ALA B 77 10.60 -4.21 -3.55
N ASN B 78 9.64 -3.94 -2.68
CA ASN B 78 8.24 -3.74 -3.01
C ASN B 78 7.87 -2.37 -2.48
N GLY B 79 7.38 -1.50 -3.36
CA GLY B 79 7.08 -0.15 -2.93
C GLY B 79 6.03 0.50 -3.81
N GLU B 80 5.60 1.70 -3.40
CA GLU B 80 4.62 2.45 -4.14
C GLU B 80 5.13 3.86 -4.40
N VAL B 81 4.77 4.40 -5.56
CA VAL B 81 5.15 5.75 -5.95
C VAL B 81 3.90 6.58 -6.06
N PHE B 82 3.87 7.73 -5.37
CA PHE B 82 2.68 8.59 -5.39
C PHE B 82 2.83 9.83 -6.26
N GLU B 83 4.03 10.33 -6.51
CA GLU B 83 4.21 11.45 -7.43
C GLU B 83 5.25 11.07 -8.46
N THR B 84 5.06 11.57 -9.69
CA THR B 84 5.98 11.29 -10.77
C THR B 84 7.36 11.85 -10.49
N ILE B 85 8.33 10.97 -10.34
CA ILE B 85 9.71 11.36 -10.18
C ILE B 85 10.28 11.63 -11.58
N GLU B 86 10.79 12.83 -11.77
CA GLU B 86 11.23 13.28 -13.09
C GLU B 86 12.73 13.56 -13.08
N GLU B 87 13.25 13.86 -14.26
CA GLU B 87 14.68 14.07 -14.42
C GLU B 87 15.18 15.18 -13.50
N GLY B 88 16.32 14.93 -12.85
CA GLY B 88 16.87 15.88 -11.92
C GLY B 88 16.83 15.44 -10.47
N ALA B 89 16.19 14.32 -10.16
CA ALA B 89 16.17 13.84 -8.78
C ALA B 89 17.55 13.33 -8.40
N TYR B 90 17.82 13.33 -7.09
CA TYR B 90 19.15 12.96 -6.63
C TYR B 90 19.06 12.22 -5.30
N ILE B 91 20.17 11.57 -4.93
CA ILE B 91 20.30 10.84 -3.68
C ILE B 91 21.53 11.32 -2.93
N ASP B 92 21.36 11.64 -1.65
CA ASP B 92 22.45 11.94 -0.73
C ASP B 92 22.77 10.65 0.01
N VAL B 93 23.99 10.16 -0.15
CA VAL B 93 24.42 8.91 0.47
C VAL B 93 25.53 9.20 1.46
N GLU B 94 25.42 8.61 2.65
CA GLU B 94 26.45 8.71 3.68
C GLU B 94 26.77 7.29 4.14
N VAL B 95 28.02 6.90 4.01
CA VAL B 95 28.51 5.63 4.52
C VAL B 95 29.45 5.93 5.67
N ARG B 96 29.33 5.15 6.75
CA ARG B 96 30.05 5.28 8.02
C ARG B 96 30.63 3.99 8.52
N LEU B 97 31.89 4.04 8.90
CA LEU B 97 32.52 2.96 9.63
C LEU B 97 32.96 3.58 10.95
N GLY B 98 32.38 3.07 12.06
CA GLY B 98 32.60 3.66 13.37
C GLY B 98 32.27 5.14 13.34
N TYR B 99 33.25 5.98 13.71
CA TYR B 99 33.07 7.43 13.75
C TYR B 99 33.66 8.12 12.52
N ILE B 100 34.00 7.38 11.47
CA ILE B 100 34.61 7.95 10.27
C ILE B 100 33.66 7.85 9.09
N ARG B 101 33.50 8.96 8.37
CA ARG B 101 32.60 9.04 7.22
C ARG B 101 33.38 8.60 5.99
N LEU B 102 33.08 7.39 5.52
CA LEU B 102 33.84 6.77 4.45
C LEU B 102 33.51 7.43 3.10
N LEU B 103 32.23 7.78 2.88
CA LEU B 103 31.78 8.36 1.62
C LEU B 103 30.58 9.28 1.87
N SER B 104 30.64 10.49 1.33
CA SER B 104 29.54 11.45 1.39
C SER B 104 29.51 12.21 0.06
N GLN B 105 28.48 11.96 -0.74
CA GLN B 105 28.31 12.66 -2.02
C GLN B 105 26.87 12.54 -2.45
N THR B 106 26.57 13.14 -3.60
CA THR B 106 25.23 13.18 -4.15
C THR B 106 25.29 12.64 -5.56
N PHE B 107 24.41 11.71 -5.87
CA PHE B 107 24.33 11.10 -7.19
C PHE B 107 23.06 11.57 -7.87
N ASP B 108 23.12 11.64 -9.18
CA ASP B 108 21.90 11.87 -9.95
C ASP B 108 21.09 10.58 -9.92
N LEU B 109 19.88 10.66 -9.35
CA LEU B 109 19.06 9.47 -9.18
C LEU B 109 18.78 8.81 -10.52
N CYS B 110 18.29 9.59 -11.49
CA CYS B 110 17.96 9.05 -12.80
C CYS B 110 19.13 8.29 -13.38
N GLU B 111 20.25 8.98 -13.49
CA GLU B 111 21.44 8.42 -14.09
C GLU B 111 21.96 7.23 -13.30
N THR B 112 21.89 7.28 -11.97
CA THR B 112 22.40 6.16 -11.19
C THR B 112 21.57 4.90 -11.42
N LEU B 113 20.24 5.06 -11.41
CA LEU B 113 19.36 3.93 -11.69
C LEU B 113 19.59 3.41 -13.11
N GLU B 114 19.94 4.31 -14.02
CA GLU B 114 20.12 3.93 -15.42
C GLU B 114 21.48 3.25 -15.65
N ASP B 115 22.51 3.66 -14.90
CA ASP B 115 23.84 3.09 -15.02
C ASP B 115 23.96 1.71 -14.37
N ASN B 116 23.34 1.53 -13.20
CA ASN B 116 23.37 0.23 -12.53
C ASN B 116 22.27 -0.69 -13.04
N ASP B 117 21.52 -0.26 -14.05
CA ASP B 117 20.52 -1.08 -14.74
C ASP B 117 19.51 -1.66 -13.76
N ILE B 118 18.93 -0.81 -12.91
CA ILE B 118 17.81 -1.22 -12.09
C ILE B 118 16.62 -1.41 -13.03
N GLU B 119 16.16 -2.66 -13.22
CA GLU B 119 15.07 -2.88 -14.16
C GLU B 119 13.75 -2.33 -13.61
N GLY B 120 12.97 -1.73 -14.51
CA GLY B 120 11.66 -1.20 -14.18
C GLY B 120 11.62 0.11 -13.42
N LEU B 121 12.67 0.92 -13.53
CA LEU B 121 12.71 2.25 -12.90
C LEU B 121 13.20 3.32 -13.88
N SER B 122 12.53 3.44 -15.04
CA SER B 122 12.84 4.53 -15.94
C SER B 122 12.74 5.82 -15.15
N CYS B 123 13.74 6.68 -15.24
CA CYS B 123 13.77 7.80 -14.30
C CYS B 123 12.44 8.57 -14.29
N PRO B 124 11.72 8.77 -15.41
CA PRO B 124 10.37 9.30 -15.26
C PRO B 124 9.54 8.20 -14.63
N ILE B 125 9.54 8.15 -13.30
CA ILE B 125 8.95 7.07 -12.53
C ILE B 125 7.49 7.43 -12.32
N GLU B 126 6.60 6.70 -12.99
CA GLU B 126 5.20 7.07 -12.84
C GLU B 126 4.65 6.48 -11.54
N PRO B 127 3.64 7.12 -10.96
CA PRO B 127 3.05 6.58 -9.73
C PRO B 127 2.40 5.22 -9.96
N GLY B 128 2.58 4.33 -8.99
CA GLY B 128 2.03 3.00 -9.11
C GLY B 128 2.69 2.02 -8.15
N GLU B 129 2.40 0.74 -8.40
CA GLU B 129 2.90 -0.38 -7.61
C GLU B 129 4.17 -0.94 -8.25
N TYR B 130 5.27 -1.01 -7.49
CA TYR B 130 6.54 -1.44 -8.04
C TYR B 130 7.12 -2.63 -7.28
N ASN B 131 7.73 -3.53 -8.05
CA ASN B 131 8.55 -4.61 -7.55
C ASN B 131 9.88 -4.58 -8.28
N ILE B 132 10.97 -4.52 -7.51
CA ILE B 132 12.32 -4.31 -8.03
C ILE B 132 13.17 -5.47 -7.57
N LYS B 133 13.97 -6.02 -8.50
CA LYS B 133 14.95 -7.04 -8.17
C LYS B 133 16.27 -6.60 -8.78
N LYS B 134 17.30 -6.45 -7.96
CA LYS B 134 18.61 -6.03 -8.42
C LYS B 134 19.68 -6.89 -7.78
N ILE B 135 20.67 -7.30 -8.57
CA ILE B 135 21.80 -8.08 -8.07
C ILE B 135 23.04 -7.22 -8.15
N VAL B 136 23.78 -7.16 -7.05
CA VAL B 136 24.98 -6.35 -6.97
C VAL B 136 26.09 -7.22 -6.39
N GLU B 137 27.33 -6.86 -6.69
CA GLU B 137 28.46 -7.62 -6.21
C GLU B 137 29.07 -6.92 -5.02
N ILE B 138 29.25 -7.66 -3.94
CA ILE B 138 29.90 -7.14 -2.73
C ILE B 138 31.39 -7.44 -2.85
N PRO B 139 32.26 -6.43 -2.82
CA PRO B 139 33.69 -6.71 -2.90
C PRO B 139 34.12 -7.57 -1.71
N GLY B 140 34.94 -8.58 -2.00
CA GLY B 140 35.49 -9.38 -0.92
C GLY B 140 36.54 -8.62 -0.13
N GLU B 141 37.22 -7.69 -0.79
CA GLU B 141 38.28 -6.89 -0.17
C GLU B 141 37.78 -5.99 0.95
N VAL B 142 36.49 -5.67 0.98
CA VAL B 142 35.89 -4.79 1.98
C VAL B 142 36.37 -5.09 3.39
N PRO B 143 36.85 -4.08 4.12
CA PRO B 143 37.31 -4.31 5.49
C PRO B 143 36.17 -4.74 6.38
N PRO B 144 36.46 -5.53 7.42
CA PRO B 144 35.42 -5.94 8.37
C PRO B 144 35.05 -4.82 9.33
N GLY B 145 33.81 -4.86 9.80
CA GLY B 145 33.36 -3.86 10.76
C GLY B 145 31.88 -3.58 10.64
N LYS B 146 31.42 -2.59 11.42
CA LYS B 146 30.02 -2.20 11.48
C LYS B 146 29.83 -0.96 10.61
N TYR B 147 29.10 -1.10 9.50
CA TYR B 147 28.87 0.03 8.61
C TYR B 147 27.44 0.53 8.75
N VAL B 148 27.28 1.84 8.78
CA VAL B 148 25.99 2.50 8.83
C VAL B 148 25.80 3.29 7.55
N VAL B 149 24.66 3.10 6.90
CA VAL B 149 24.32 3.80 5.66
C VAL B 149 23.09 4.66 5.90
N VAL B 150 23.15 5.89 5.38
CA VAL B 150 22.04 6.83 5.44
C VAL B 150 21.88 7.40 4.04
N ALA B 151 20.71 7.18 3.44
CA ALA B 151 20.43 7.66 2.09
C ALA B 151 19.13 8.43 2.10
N ARG B 152 19.15 9.61 1.50
CA ARG B 152 17.97 10.45 1.36
C ARG B 152 17.79 10.80 -0.11
N ALA B 153 16.66 10.41 -0.66
CA ALA B 153 16.35 10.65 -2.05
C ALA B 153 15.34 11.78 -2.14
N TYR B 154 15.64 12.76 -3.00
CA TYR B 154 14.81 13.93 -3.21
C TYR B 154 14.49 14.05 -4.69
N THR B 155 13.34 14.64 -4.98
CA THR B 155 12.99 14.91 -6.35
C THR B 155 13.67 16.21 -6.77
N GLU B 156 13.50 16.57 -8.04
CA GLU B 156 14.11 17.80 -8.54
C GLU B 156 13.64 19.00 -7.73
N LYS B 157 12.35 19.01 -7.37
CA LYS B 157 11.71 20.07 -6.60
C LYS B 157 12.05 20.07 -5.14
N ASP B 158 12.99 19.23 -4.73
CA ASP B 158 13.44 19.07 -3.35
C ASP B 158 12.38 18.49 -2.44
N ASP B 159 11.41 17.78 -3.02
CA ASP B 159 10.46 17.04 -2.21
C ASP B 159 11.09 15.71 -1.84
N LEU B 160 10.98 15.34 -0.57
CA LEU B 160 11.62 14.12 -0.08
C LEU B 160 10.98 12.90 -0.72
N ILE B 161 11.80 12.12 -1.45
CA ILE B 161 11.29 10.86 -2.00
C ILE B 161 11.30 9.80 -0.92
N THR B 162 12.43 9.65 -0.23
CA THR B 162 12.51 8.61 0.79
C THR B 162 13.73 8.85 1.66
N CYS B 163 13.72 8.20 2.83
CA CYS B 163 14.85 8.24 3.76
C CYS B 163 15.04 6.82 4.28
N LEU B 164 16.26 6.28 4.11
CA LEU B 164 16.56 4.90 4.46
C LEU B 164 17.89 4.83 5.20
N THR B 165 17.94 3.99 6.24
CA THR B 165 19.17 3.81 7.01
C THR B 165 19.33 2.33 7.34
N GLY B 166 20.58 1.90 7.51
CA GLY B 166 20.86 0.51 7.80
C GLY B 166 22.21 0.28 8.44
N GLU B 167 22.32 -0.87 9.10
CA GLU B 167 23.53 -1.32 9.77
C GLU B 167 23.89 -2.70 9.25
N VAL B 168 25.13 -2.84 8.77
CA VAL B 168 25.67 -4.11 8.27
C VAL B 168 26.96 -4.42 9.00
N ILE B 169 27.05 -5.60 9.59
CA ILE B 169 28.25 -6.02 10.33
C ILE B 169 28.97 -7.08 9.52
N PHE B 170 30.25 -6.83 9.24
CA PHE B 170 31.06 -7.78 8.49
C PHE B 170 32.04 -8.44 9.43
N PRO B 171 31.89 -9.73 9.67
CA PRO B 171 32.83 -10.47 10.51
C PRO B 171 34.17 -10.59 9.81
N PRO B 172 35.27 -10.82 10.57
CA PRO B 172 36.64 -10.83 10.06
C PRO B 172 36.94 -11.95 9.05
N ILE C 24 26.97 -32.73 -23.86
CA ILE C 24 26.38 -32.36 -25.15
C ILE C 24 24.95 -31.88 -24.92
N GLY C 25 24.37 -32.29 -23.80
CA GLY C 25 23.02 -31.94 -23.43
C GLY C 25 22.67 -30.47 -23.43
N ILE C 26 23.62 -29.57 -23.53
CA ILE C 26 23.70 -28.29 -22.82
C ILE C 26 22.43 -27.55 -22.36
N PHE C 27 21.28 -28.26 -22.17
CA PHE C 27 20.03 -27.60 -21.77
C PHE C 27 20.22 -26.44 -20.80
N ASN C 28 19.35 -25.44 -20.92
CA ASN C 28 19.38 -24.22 -20.09
C ASN C 28 17.94 -23.83 -19.83
N ALA C 29 17.51 -23.83 -18.57
CA ALA C 29 16.09 -23.68 -18.26
C ALA C 29 15.69 -22.23 -18.10
N LEU C 30 14.47 -21.92 -18.56
CA LEU C 30 13.89 -20.60 -18.35
C LEU C 30 13.59 -20.37 -16.86
N PRO C 31 13.71 -19.14 -16.39
CA PRO C 31 13.42 -18.87 -14.97
C PRO C 31 11.92 -18.91 -14.72
N PRO C 32 11.50 -19.00 -13.46
CA PRO C 32 10.06 -19.02 -13.17
C PRO C 32 9.42 -17.67 -13.42
N PRO C 33 8.11 -17.63 -13.62
CA PRO C 33 7.45 -16.34 -13.85
C PRO C 33 7.41 -15.50 -12.57
N ASN C 34 7.53 -14.19 -12.74
CA ASN C 34 7.56 -13.23 -11.64
C ASN C 34 6.15 -13.05 -11.08
N THR C 35 5.80 -13.82 -10.02
CA THR C 35 4.45 -13.78 -9.46
C THR C 35 4.46 -13.75 -7.93
N LYS C 36 3.51 -12.99 -7.35
CA LYS C 36 3.23 -12.88 -5.90
C LYS C 36 1.88 -13.49 -5.57
N PRO C 37 1.72 -14.28 -4.51
CA PRO C 37 0.37 -14.57 -4.04
C PRO C 37 -0.33 -13.31 -3.55
N ILE C 38 -1.65 -13.23 -3.78
CA ILE C 38 -2.48 -12.16 -3.22
C ILE C 38 -2.94 -12.62 -1.85
N ASN C 39 -2.92 -11.73 -0.85
CA ASN C 39 -3.39 -12.13 0.47
C ASN C 39 -4.87 -12.51 0.40
N GLY C 40 -5.26 -13.47 1.24
CA GLY C 40 -6.65 -13.84 1.39
C GLY C 40 -6.98 -15.23 0.84
N GLU C 41 -8.25 -15.60 1.03
CA GLU C 41 -8.81 -16.88 0.59
C GLU C 41 -9.07 -16.83 -0.91
N SER C 42 -8.02 -17.06 -1.68
CA SER C 42 -8.08 -16.94 -3.13
C SER C 42 -6.93 -17.74 -3.73
N PRO C 43 -7.09 -18.27 -4.94
CA PRO C 43 -5.95 -18.84 -5.68
C PRO C 43 -5.25 -17.82 -6.58
N LEU C 44 -5.57 -16.54 -6.45
CA LEU C 44 -5.07 -15.55 -7.37
C LEU C 44 -3.64 -15.13 -7.04
N TYR C 45 -2.86 -14.86 -8.08
CA TYR C 45 -1.52 -14.30 -8.00
C TYR C 45 -1.45 -13.04 -8.83
N GLN C 46 -0.56 -12.15 -8.43
CA GLN C 46 -0.16 -11.02 -9.26
C GLN C 46 0.98 -11.51 -10.13
N CYS C 47 0.89 -11.23 -11.43
CA CYS C 47 1.94 -11.60 -12.38
C CYS C 47 2.59 -10.36 -12.98
N ASP C 48 3.72 -10.60 -13.64
CA ASP C 48 4.50 -9.54 -14.27
C ASP C 48 4.84 -8.43 -13.28
N ILE C 49 5.30 -8.84 -12.09
CA ILE C 49 5.50 -7.88 -11.01
C ILE C 49 6.69 -6.96 -11.28
N LEU C 50 7.71 -7.45 -12.00
CA LEU C 50 8.82 -6.58 -12.35
C LEU C 50 8.38 -5.42 -13.23
N ASP C 51 7.14 -5.44 -13.72
CA ASP C 51 6.60 -4.35 -14.51
C ASP C 51 5.65 -3.51 -13.64
N LYS C 52 5.84 -2.20 -13.64
CA LYS C 52 5.04 -1.30 -12.82
C LYS C 52 3.56 -1.40 -13.17
N GLN C 53 2.72 -1.50 -12.16
CA GLN C 53 1.27 -1.63 -12.36
C GLN C 53 0.54 -0.49 -11.65
N LEU C 54 -0.50 0.02 -12.30
CA LEU C 54 -1.25 1.18 -11.79
C LEU C 54 -2.13 0.84 -10.61
N VAL C 55 -2.44 -0.43 -10.41
CA VAL C 55 -3.34 -0.88 -9.35
C VAL C 55 -2.64 -1.94 -8.50
N GLU C 56 -2.74 -1.79 -7.20
CA GLU C 56 -2.26 -2.79 -6.25
C GLU C 56 -3.46 -3.56 -5.70
N ILE C 57 -3.46 -4.89 -5.87
CA ILE C 57 -4.53 -5.74 -5.34
C ILE C 57 -4.04 -6.28 -4.01
N LYS C 58 -4.40 -5.61 -2.92
CA LYS C 58 -3.90 -6.00 -1.60
C LYS C 58 -4.53 -7.29 -1.09
N GLU C 59 -5.85 -7.45 -1.23
CA GLU C 59 -6.48 -8.64 -0.65
C GLU C 59 -7.66 -9.12 -1.52
N VAL C 60 -7.81 -10.45 -1.63
CA VAL C 60 -8.94 -11.05 -2.33
C VAL C 60 -9.44 -12.25 -1.54
N ASN C 61 -10.76 -12.33 -1.36
CA ASN C 61 -11.42 -13.39 -0.65
C ASN C 61 -12.60 -13.92 -1.47
N LEU C 62 -12.78 -15.24 -1.49
CA LEU C 62 -13.90 -15.89 -2.19
C LEU C 62 -14.71 -16.71 -1.20
N ASP C 63 -16.05 -16.54 -1.19
CA ASP C 63 -16.84 -17.17 -0.14
C ASP C 63 -16.71 -18.69 -0.14
N PRO C 64 -16.85 -19.41 -1.26
CA PRO C 64 -16.21 -20.73 -1.28
C PRO C 64 -14.81 -20.54 -1.84
N ASN C 65 -13.76 -20.90 -1.08
CA ASN C 65 -12.40 -20.65 -1.57
C ASN C 65 -12.11 -21.40 -2.85
N PRO C 66 -12.45 -22.68 -3.01
CA PRO C 66 -12.60 -23.20 -4.34
C PRO C 66 -14.04 -22.92 -4.78
N PRO C 67 -14.20 -22.18 -5.87
CA PRO C 67 -15.55 -21.89 -6.35
C PRO C 67 -16.24 -23.18 -6.74
N VAL C 68 -17.56 -23.22 -6.52
CA VAL C 68 -18.37 -24.41 -6.79
C VAL C 68 -19.33 -24.08 -7.91
N ARG C 69 -19.48 -25.02 -8.85
CA ARG C 69 -20.40 -24.81 -9.96
C ARG C 69 -21.84 -24.83 -9.48
N GLY C 70 -22.68 -24.01 -10.09
CA GLY C 70 -24.07 -24.00 -9.71
C GLY C 70 -24.37 -23.35 -8.38
N GLU C 71 -23.43 -22.60 -7.81
CA GLU C 71 -23.63 -21.92 -6.54
C GLU C 71 -23.22 -20.47 -6.68
N ASN C 72 -23.67 -19.64 -5.74
CA ASN C 72 -23.21 -18.26 -5.70
C ASN C 72 -21.75 -18.21 -5.24
N LEU C 73 -21.01 -17.26 -5.80
CA LEU C 73 -19.65 -16.94 -5.42
C LEU C 73 -19.59 -15.48 -4.98
N THR C 74 -19.03 -15.25 -3.80
CA THR C 74 -18.85 -13.91 -3.27
C THR C 74 -17.37 -13.53 -3.35
N ILE C 75 -17.10 -12.37 -3.95
CA ILE C 75 -15.74 -11.87 -4.17
C ILE C 75 -15.57 -10.60 -3.38
N SER C 76 -14.62 -10.60 -2.45
CA SER C 76 -14.23 -9.44 -1.67
C SER C 76 -12.82 -9.02 -2.09
N ALA C 77 -12.65 -7.75 -2.48
CA ALA C 77 -11.35 -7.26 -2.90
C ALA C 77 -11.01 -5.95 -2.22
N ASN C 78 -9.74 -5.81 -1.85
CA ASN C 78 -9.17 -4.61 -1.26
C ASN C 78 -7.99 -4.19 -2.11
N GLY C 79 -8.02 -2.96 -2.61
CA GLY C 79 -6.93 -2.53 -3.49
C GLY C 79 -6.77 -1.03 -3.51
N GLU C 80 -5.70 -0.59 -4.16
CA GLU C 80 -5.41 0.83 -4.33
C GLU C 80 -5.24 1.18 -5.81
N VAL C 81 -5.69 2.37 -6.19
CA VAL C 81 -5.58 2.88 -7.55
C VAL C 81 -4.68 4.10 -7.52
N PHE C 82 -3.62 4.09 -8.35
CA PHE C 82 -2.66 5.19 -8.32
C PHE C 82 -2.80 6.17 -9.48
N GLU C 83 -3.36 5.74 -10.60
CA GLU C 83 -3.61 6.64 -11.72
C GLU C 83 -5.08 6.53 -12.10
N THR C 84 -5.63 7.63 -12.59
CA THR C 84 -7.02 7.63 -13.03
C THR C 84 -7.21 6.64 -14.17
N ILE C 85 -8.00 5.58 -13.94
CA ILE C 85 -8.34 4.63 -14.98
C ILE C 85 -9.55 5.18 -15.74
N GLU C 86 -9.42 5.41 -17.03
CA GLU C 86 -10.50 6.09 -17.71
C GLU C 86 -11.10 5.21 -18.79
N GLU C 87 -12.17 5.71 -19.40
CA GLU C 87 -12.83 4.99 -20.46
C GLU C 87 -11.83 4.69 -21.59
N GLY C 88 -11.90 3.47 -22.11
CA GLY C 88 -11.01 3.00 -23.13
C GLY C 88 -10.05 1.94 -22.64
N ALA C 89 -10.01 1.73 -21.33
CA ALA C 89 -9.16 0.69 -20.77
C ALA C 89 -9.76 -0.66 -21.13
N TYR C 90 -8.92 -1.68 -21.16
CA TYR C 90 -9.34 -2.98 -21.62
C TYR C 90 -8.65 -4.08 -20.82
N ILE C 91 -9.17 -5.30 -20.93
CA ILE C 91 -8.61 -6.48 -20.26
C ILE C 91 -8.40 -7.56 -21.31
N ASP C 92 -7.20 -8.13 -21.35
CA ASP C 92 -6.91 -9.30 -22.17
C ASP C 92 -7.02 -10.54 -21.29
N VAL C 93 -7.95 -11.44 -21.61
CA VAL C 93 -8.16 -12.64 -20.82
C VAL C 93 -7.77 -13.84 -21.66
N GLU C 94 -7.03 -14.76 -21.05
CA GLU C 94 -6.66 -16.03 -21.65
C GLU C 94 -7.06 -17.11 -20.67
N VAL C 95 -7.87 -18.05 -21.12
CA VAL C 95 -8.27 -19.20 -20.33
C VAL C 95 -7.67 -20.44 -20.93
N ARG C 96 -7.22 -21.36 -20.10
CA ARG C 96 -6.64 -22.59 -20.57
C ARG C 96 -7.32 -23.68 -19.78
N LEU C 97 -7.81 -24.68 -20.49
CA LEU C 97 -8.49 -25.84 -19.92
C LEU C 97 -7.61 -27.05 -20.18
N GLY C 98 -7.22 -27.72 -19.11
CA GLY C 98 -6.22 -28.76 -19.25
C GLY C 98 -5.01 -28.12 -19.91
N TYR C 99 -4.59 -28.71 -21.02
CA TYR C 99 -3.38 -28.26 -21.71
C TYR C 99 -3.73 -27.51 -23.00
N ILE C 100 -5.00 -27.18 -23.20
CA ILE C 100 -5.48 -26.51 -24.40
C ILE C 100 -5.86 -25.09 -24.02
N ARG C 101 -5.59 -24.13 -24.91
CA ARG C 101 -5.96 -22.75 -24.60
C ARG C 101 -7.41 -22.60 -25.06
N LEU C 102 -8.31 -22.56 -24.08
CA LEU C 102 -9.74 -22.53 -24.36
C LEU C 102 -10.19 -21.19 -24.91
N LEU C 103 -9.64 -20.12 -24.37
CA LEU C 103 -10.23 -18.83 -24.65
C LEU C 103 -9.15 -17.76 -24.58
N SER C 104 -9.11 -16.91 -25.61
CA SER C 104 -8.18 -15.78 -25.65
C SER C 104 -8.96 -14.62 -26.24
N GLN C 105 -9.31 -13.62 -25.42
CA GLN C 105 -10.08 -12.50 -25.96
C GLN C 105 -9.98 -11.29 -25.05
N THR C 106 -10.55 -10.16 -25.51
CA THR C 106 -10.36 -8.85 -24.91
C THR C 106 -11.70 -8.17 -24.61
N PHE C 107 -11.85 -7.65 -23.40
CA PHE C 107 -13.10 -6.99 -23.06
C PHE C 107 -12.86 -5.52 -22.77
N ASP C 108 -13.90 -4.70 -22.96
CA ASP C 108 -13.88 -3.32 -22.51
C ASP C 108 -14.03 -3.28 -20.99
N LEU C 109 -13.00 -2.76 -20.32
CA LEU C 109 -12.95 -2.75 -18.86
C LEU C 109 -14.16 -2.02 -18.27
N CYS C 110 -14.36 -0.78 -18.68
CA CYS C 110 -15.42 0.06 -18.16
C CYS C 110 -16.78 -0.59 -18.34
N GLU C 111 -17.08 -0.98 -19.58
CA GLU C 111 -18.35 -1.62 -19.90
C GLU C 111 -18.54 -2.90 -19.08
N THR C 112 -17.46 -3.67 -18.90
CA THR C 112 -17.60 -4.89 -18.11
C THR C 112 -17.91 -4.56 -16.66
N LEU C 113 -17.22 -3.57 -16.10
CA LEU C 113 -17.50 -3.18 -14.72
C LEU C 113 -18.91 -2.65 -14.56
N GLU C 114 -19.44 -1.96 -15.57
CA GLU C 114 -20.77 -1.39 -15.46
C GLU C 114 -21.88 -2.41 -15.69
N ASP C 115 -21.67 -3.34 -16.62
CA ASP C 115 -22.70 -4.32 -16.93
C ASP C 115 -22.91 -5.28 -15.78
N ASN C 116 -21.84 -5.63 -15.10
CA ASN C 116 -21.87 -6.50 -13.94
C ASN C 116 -22.22 -5.74 -12.66
N ASP C 117 -22.47 -4.44 -12.78
CA ASP C 117 -22.95 -3.59 -11.69
C ASP C 117 -22.12 -3.82 -10.44
N ILE C 118 -20.80 -3.80 -10.66
CA ILE C 118 -19.84 -3.88 -9.58
C ILE C 118 -20.03 -2.66 -8.71
N GLU C 119 -19.98 -2.87 -7.41
CA GLU C 119 -20.20 -1.75 -6.52
C GLU C 119 -19.14 -0.72 -6.73
N GLY C 120 -19.56 0.53 -6.90
CA GLY C 120 -18.58 1.56 -7.15
C GLY C 120 -17.98 1.25 -8.52
N LEU C 121 -16.65 1.32 -8.56
CA LEU C 121 -15.83 1.05 -9.73
C LEU C 121 -16.53 1.53 -10.99
N SER C 122 -17.11 2.73 -10.94
CA SER C 122 -17.61 3.38 -12.12
C SER C 122 -16.40 3.70 -12.96
N CYS C 123 -16.44 3.38 -14.26
CA CYS C 123 -15.21 3.38 -15.03
C CYS C 123 -14.36 4.63 -14.84
N PRO C 124 -14.90 5.86 -14.69
CA PRO C 124 -13.96 6.94 -14.36
C PRO C 124 -13.50 6.67 -12.94
N ILE C 125 -12.38 5.96 -12.82
CA ILE C 125 -11.91 5.46 -11.54
C ILE C 125 -10.87 6.41 -10.99
N GLU C 126 -11.21 7.15 -9.95
CA GLU C 126 -10.23 8.07 -9.41
C GLU C 126 -9.27 7.32 -8.48
N PRO C 127 -8.05 7.84 -8.30
CA PRO C 127 -7.10 7.19 -7.40
C PRO C 127 -7.60 7.17 -5.96
N GLY C 128 -7.35 6.06 -5.27
CA GLY C 128 -7.76 5.94 -3.89
C GLY C 128 -7.82 4.49 -3.42
N GLU C 129 -8.40 4.33 -2.23
CA GLU C 129 -8.55 3.05 -1.55
C GLU C 129 -9.91 2.46 -1.88
N TYR C 130 -9.94 1.21 -2.39
CA TYR C 130 -11.18 0.59 -2.80
C TYR C 130 -11.42 -0.72 -2.08
N ASN C 131 -12.69 -0.95 -1.77
CA ASN C 131 -13.22 -2.21 -1.26
C ASN C 131 -14.39 -2.61 -2.13
N ILE C 132 -14.34 -3.83 -2.63
CA ILE C 132 -15.30 -4.37 -3.59
C ILE C 132 -15.87 -5.67 -3.04
N LYS C 133 -17.19 -5.82 -3.17
CA LYS C 133 -17.89 -7.06 -2.86
C LYS C 133 -18.85 -7.32 -4.01
N LYS C 134 -18.73 -8.47 -4.65
CA LYS C 134 -19.54 -8.85 -5.77
C LYS C 134 -20.00 -10.29 -5.63
N ILE C 135 -21.27 -10.55 -5.97
CA ILE C 135 -21.79 -11.91 -5.96
C ILE C 135 -22.11 -12.28 -7.40
N VAL C 136 -21.62 -13.44 -7.82
CA VAL C 136 -21.79 -13.93 -9.18
C VAL C 136 -22.26 -15.36 -9.09
N GLU C 137 -22.89 -15.83 -10.15
CA GLU C 137 -23.32 -17.21 -10.22
C GLU C 137 -22.38 -17.99 -11.13
N ILE C 138 -21.91 -19.12 -10.63
CA ILE C 138 -21.09 -20.03 -11.43
C ILE C 138 -22.02 -21.02 -12.11
N PRO C 139 -22.06 -21.07 -13.42
CA PRO C 139 -22.92 -22.03 -14.11
C PRO C 139 -22.53 -23.46 -13.74
N GLY C 140 -23.55 -24.30 -13.51
CA GLY C 140 -23.28 -25.70 -13.28
C GLY C 140 -22.82 -26.43 -14.54
N GLU C 141 -23.28 -25.97 -15.71
CA GLU C 141 -22.92 -26.59 -16.97
C GLU C 141 -21.43 -26.47 -17.28
N VAL C 142 -20.71 -25.56 -16.62
CA VAL C 142 -19.28 -25.38 -16.82
C VAL C 142 -18.58 -26.72 -16.87
N PRO C 143 -17.81 -27.00 -17.93
CA PRO C 143 -17.16 -28.30 -18.04
C PRO C 143 -16.15 -28.51 -16.91
N PRO C 144 -15.97 -29.74 -16.46
CA PRO C 144 -14.96 -30.00 -15.43
C PRO C 144 -13.57 -30.03 -16.03
N GLY C 145 -12.60 -29.66 -15.20
CA GLY C 145 -11.22 -29.67 -15.62
C GLY C 145 -10.41 -28.61 -14.88
N LYS C 146 -9.15 -28.47 -15.30
CA LYS C 146 -8.21 -27.56 -14.68
C LYS C 146 -8.20 -26.30 -15.54
N TYR C 147 -8.70 -25.19 -14.98
CA TYR C 147 -8.71 -23.92 -15.68
C TYR C 147 -7.61 -23.04 -15.11
N VAL C 148 -6.80 -22.47 -16.00
CA VAL C 148 -5.81 -21.47 -15.63
C VAL C 148 -6.20 -20.19 -16.37
N VAL C 149 -6.35 -19.10 -15.62
CA VAL C 149 -6.77 -17.83 -16.18
C VAL C 149 -5.64 -16.82 -16.02
N VAL C 150 -5.44 -16.02 -17.04
CA VAL C 150 -4.45 -14.96 -17.01
C VAL C 150 -5.17 -13.74 -17.57
N ALA C 151 -5.23 -12.67 -16.79
CA ALA C 151 -5.89 -11.45 -17.24
C ALA C 151 -4.94 -10.29 -17.06
N ARG C 152 -4.76 -9.50 -18.11
CA ARG C 152 -3.90 -8.32 -18.05
C ARG C 152 -4.73 -7.13 -18.48
N ALA C 153 -4.86 -6.15 -17.59
CA ALA C 153 -5.66 -4.98 -17.83
C ALA C 153 -4.74 -3.80 -18.10
N TYR C 154 -5.06 -3.06 -19.18
CA TYR C 154 -4.27 -1.92 -19.61
C TYR C 154 -5.20 -0.73 -19.76
N THR C 155 -4.60 0.47 -19.72
CA THR C 155 -5.38 1.68 -19.96
C THR C 155 -5.51 1.95 -21.46
N GLU C 156 -6.22 3.02 -21.79
CA GLU C 156 -6.38 3.46 -23.17
C GLU C 156 -5.03 3.74 -23.82
N LYS C 157 -4.10 4.33 -23.08
CA LYS C 157 -2.74 4.55 -23.58
C LYS C 157 -1.86 3.29 -23.48
N ASP C 158 -2.45 2.12 -23.24
CA ASP C 158 -1.72 0.86 -23.18
C ASP C 158 -0.78 0.71 -21.99
N ASP C 159 -1.02 1.46 -20.92
CA ASP C 159 -0.27 1.28 -19.67
C ASP C 159 -0.89 0.15 -18.85
N LEU C 160 -0.04 -0.72 -18.33
CA LEU C 160 -0.48 -1.90 -17.60
C LEU C 160 -1.19 -1.53 -16.30
N ILE C 161 -2.46 -1.92 -16.20
CA ILE C 161 -3.22 -1.71 -14.96
C ILE C 161 -2.91 -2.82 -13.97
N THR C 162 -3.00 -4.07 -14.40
CA THR C 162 -2.72 -5.16 -13.48
C THR C 162 -2.58 -6.47 -14.25
N CYS C 163 -1.98 -7.46 -13.59
CA CYS C 163 -1.82 -8.80 -14.16
C CYS C 163 -2.18 -9.80 -13.06
N LEU C 164 -3.15 -10.67 -13.34
CA LEU C 164 -3.65 -11.61 -12.35
C LEU C 164 -3.76 -12.98 -12.98
N THR C 165 -3.42 -14.01 -12.22
CA THR C 165 -3.48 -15.38 -12.70
C THR C 165 -4.09 -16.27 -11.62
N GLY C 166 -4.74 -17.34 -12.06
CA GLY C 166 -5.33 -18.26 -11.12
C GLY C 166 -5.57 -19.61 -11.74
N GLU C 167 -5.67 -20.61 -10.87
CA GLU C 167 -5.96 -21.97 -11.24
C GLU C 167 -7.17 -22.41 -10.43
N VAL C 168 -8.21 -22.90 -11.10
CA VAL C 168 -9.37 -23.49 -10.45
C VAL C 168 -9.62 -24.84 -11.09
N ILE C 169 -9.72 -25.89 -10.27
CA ILE C 169 -10.00 -27.22 -10.78
C ILE C 169 -11.42 -27.59 -10.38
N PHE C 170 -12.24 -27.96 -11.38
CA PHE C 170 -13.63 -28.35 -11.18
C PHE C 170 -13.79 -29.85 -11.31
N PRO C 171 -14.28 -30.51 -10.24
CA PRO C 171 -14.43 -31.96 -10.29
C PRO C 171 -15.50 -32.36 -11.28
N PRO C 172 -15.43 -33.59 -11.83
CA PRO C 172 -16.44 -33.98 -12.82
C PRO C 172 -17.83 -34.20 -12.23
N ARG C 173 -17.93 -34.54 -10.95
CA ARG C 173 -19.22 -34.80 -10.33
C ARG C 173 -20.05 -33.53 -10.17
#